data_4FZE
#
_entry.id   4FZE
#
_cell.length_a   95.636
_cell.length_b   124.452
_cell.length_c   41.433
_cell.angle_alpha   90.00
_cell.angle_beta   97.40
_cell.angle_gamma   90.00
#
_symmetry.space_group_name_H-M   'C 1 2 1'
#
loop_
_entity.id
_entity.type
_entity.pdbx_description
1 polymer 'N26_i1 Fab light chain'
2 polymer 'N26_i1 Fab heavy chain'
3 water water
#
loop_
_entity_poly.entity_id
_entity_poly.type
_entity_poly.pdbx_seq_one_letter_code
_entity_poly.pdbx_strand_id
1 'polypeptide(L)'
;QSVLTQPPSVSVSPGQTASITCSGDNLRDGYASWYQQKPGQSPVLVIYRDDKRPSGIPERFSGSSSGNTAILTLSGAQAM
DEADYYCQAWASTTVIFGGGTRLTVLGQPKAAPSVTLFPPSSEELQANKATLVCLISDFYPGAVTVAWKADSSPVKAGVE
TTTPSKQSNNKYAASSYLSLTPEQWKSHRSYSCQVTHEGSTVEKTVAPTECS
;
L
2 'polypeptide(L)'
;QVQLVQSGAEVKKPGSSAKVSCKASRGTLSSYFISWVRQAPGQGLEWLGGITPLLGTANYAQKFQGRVTITADKSTNTAF
MQLSSLTSDDTAVYYCAGTVYYDILTGLYTNFHYWGQGTLVTVSSASTKGPSVFPLAPSSKSTSGGTAALGCLVKDYFPE
PVTVSWNSGALTSGVHTFPAVLQSSGLYSLSSVVTVPSSSLGTQTYICNVNHKPSNTKVDKRVEPKSCDKTH
;
H
#
# COMPACT_ATOMS: atom_id res chain seq x y z
N SER A 2 -15.66 24.06 -10.86
CA SER A 2 -14.89 23.00 -11.51
C SER A 2 -14.96 21.66 -10.77
N VAL A 3 -15.52 21.67 -9.56
CA VAL A 3 -15.50 20.49 -8.69
C VAL A 3 -16.34 19.32 -9.21
N LEU A 4 -15.94 18.10 -8.89
CA LEU A 4 -16.71 16.91 -9.20
C LEU A 4 -17.32 16.31 -7.93
N THR A 5 -18.57 15.88 -8.01
CA THR A 5 -19.27 15.33 -6.85
C THR A 5 -19.69 13.88 -7.09
N GLN A 6 -19.16 12.97 -6.28
CA GLN A 6 -19.63 11.58 -6.26
C GLN A 6 -20.00 11.23 -4.82
N PRO A 7 -20.90 10.24 -4.63
CA PRO A 7 -21.30 9.94 -3.24
C PRO A 7 -20.14 9.26 -2.50
N PRO A 8 -20.07 9.41 -1.17
CA PRO A 8 -18.95 8.84 -0.43
C PRO A 8 -18.98 7.30 -0.38
N SER A 9 -20.15 6.69 -0.43
CA SER A 9 -20.25 5.24 -0.25
C SER A 9 -21.46 4.62 -0.96
N VAL A 10 -21.32 3.36 -1.33
CA VAL A 10 -22.37 2.60 -1.95
C VAL A 10 -22.14 1.15 -1.58
N SER A 11 -23.19 0.45 -1.20
CA SER A 11 -23.12 -0.98 -0.94
C SER A 11 -23.90 -1.73 -1.99
N VAL A 12 -23.49 -2.97 -2.24
CA VAL A 12 -24.16 -3.81 -3.22
C VAL A 12 -24.11 -5.25 -2.72
N SER A 13 -25.18 -6.01 -2.95
CA SER A 13 -25.16 -7.45 -2.67
C SER A 13 -24.40 -8.12 -3.82
N PRO A 14 -23.76 -9.27 -3.57
CA PRO A 14 -22.98 -9.94 -4.61
C PRO A 14 -23.87 -10.36 -5.77
N GLY A 15 -23.45 -10.11 -7.01
CA GLY A 15 -24.26 -10.47 -8.16
C GLY A 15 -25.16 -9.33 -8.61
N GLN A 16 -25.32 -8.34 -7.74
CA GLN A 16 -26.13 -7.17 -8.05
C GLN A 16 -25.29 -6.13 -8.80
N THR A 17 -25.96 -5.09 -9.30
CA THR A 17 -25.31 -4.00 -10.02
C THR A 17 -25.15 -2.76 -9.15
N ALA A 18 -23.95 -2.19 -9.11
CA ALA A 18 -23.67 -0.90 -8.47
C ALA A 18 -23.46 0.19 -9.51
N SER A 19 -24.10 1.35 -9.30
CA SER A 19 -23.84 2.53 -10.11
C SER A 19 -23.36 3.68 -9.25
N ILE A 20 -22.24 4.28 -9.67
CA ILE A 20 -21.64 5.40 -8.96
C ILE A 20 -21.74 6.61 -9.87
N THR A 21 -22.44 7.64 -9.41
CA THR A 21 -22.58 8.84 -10.21
C THR A 21 -21.47 9.81 -9.89
N CYS A 22 -21.16 10.66 -10.85
CA CYS A 22 -20.20 11.73 -10.67
C CYS A 22 -20.75 12.89 -11.44
N SER A 23 -21.00 14.00 -10.77
CA SER A 23 -21.48 15.18 -11.48
C SER A 23 -20.59 16.40 -11.27
N GLY A 24 -20.57 17.27 -12.28
CA GLY A 24 -19.76 18.47 -12.26
C GLY A 24 -19.73 19.16 -13.61
N ASP A 25 -19.38 20.44 -13.59
CA ASP A 25 -19.33 21.29 -14.78
C ASP A 25 -18.62 20.69 -16.01
N ASN A 26 -17.49 20.04 -15.79
CA ASN A 26 -16.64 19.61 -16.90
C ASN A 26 -16.99 18.27 -17.56
N LEU A 27 -18.10 17.66 -17.16
CA LEU A 27 -18.55 16.41 -17.75
C LEU A 27 -19.56 16.66 -18.85
N ARG A 28 -20.07 17.90 -18.89
CA ARG A 28 -20.93 18.33 -19.98
C ARG A 28 -20.13 18.32 -21.28
N ASP A 29 -19.11 19.17 -21.33
CA ASP A 29 -18.27 19.32 -22.51
C ASP A 29 -17.25 18.19 -22.63
N GLY A 30 -16.63 17.85 -21.52
CA GLY A 30 -15.53 16.90 -21.53
C GLY A 30 -15.90 15.51 -21.06
N TYR A 31 -14.90 14.66 -20.92
CA TYR A 31 -15.13 13.26 -20.61
C TYR A 31 -14.70 12.88 -19.20
N ALA A 32 -15.31 11.83 -18.68
CA ALA A 32 -14.97 11.29 -17.38
C ALA A 32 -14.08 10.07 -17.53
N SER A 33 -13.15 9.93 -16.60
CA SER A 33 -12.41 8.69 -16.44
C SER A 33 -12.71 8.18 -15.05
N TRP A 34 -12.52 6.89 -14.83
CA TRP A 34 -12.81 6.27 -13.54
C TRP A 34 -11.65 5.37 -13.16
N TYR A 35 -11.25 5.45 -11.90
CA TYR A 35 -10.18 4.58 -11.40
C TYR A 35 -10.68 3.70 -10.27
N GLN A 36 -10.10 2.51 -10.17
CA GLN A 36 -10.35 1.62 -9.08
C GLN A 36 -9.09 1.62 -8.21
N GLN A 37 -9.26 1.72 -6.90
CA GLN A 37 -8.11 1.63 -6.01
C GLN A 37 -8.41 0.68 -4.87
N LYS A 38 -7.73 -0.45 -4.88
CA LYS A 38 -7.82 -1.40 -3.78
C LYS A 38 -6.81 -0.98 -2.73
N PRO A 39 -7.07 -1.33 -1.46
CA PRO A 39 -6.20 -0.92 -0.37
C PRO A 39 -4.77 -1.40 -0.56
N GLY A 40 -3.82 -0.47 -0.46
CA GLY A 40 -2.42 -0.80 -0.54
C GLY A 40 -1.86 -0.72 -1.95
N GLN A 41 -2.71 -0.30 -2.88
CA GLN A 41 -2.31 -0.32 -4.28
C GLN A 41 -2.38 1.06 -4.94
N SER A 42 -1.75 1.15 -6.10
CA SER A 42 -1.86 2.33 -6.93
C SER A 42 -3.26 2.34 -7.61
N PRO A 43 -3.76 3.53 -8.00
CA PRO A 43 -5.03 3.55 -8.73
C PRO A 43 -4.90 2.90 -10.10
N VAL A 44 -5.96 2.23 -10.54
CA VAL A 44 -5.99 1.55 -11.85
C VAL A 44 -7.14 2.10 -12.67
N LEU A 45 -6.84 2.49 -13.91
CA LEU A 45 -7.90 3.03 -14.78
C LEU A 45 -8.86 1.96 -15.30
N VAL A 46 -10.16 2.19 -15.15
CA VAL A 46 -11.13 1.19 -15.56
C VAL A 46 -12.04 1.66 -16.69
N ILE A 47 -12.25 2.98 -16.77
CA ILE A 47 -13.05 3.57 -17.83
C ILE A 47 -12.41 4.90 -18.22
N TYR A 48 -12.32 5.18 -19.52
CA TYR A 48 -11.86 6.48 -19.97
C TYR A 48 -12.76 7.00 -21.07
N ARG A 49 -12.72 8.30 -21.31
CA ARG A 49 -13.57 8.94 -22.33
C ARG A 49 -15.04 8.51 -22.21
N ASP A 50 -15.58 8.54 -20.99
CA ASP A 50 -16.99 8.21 -20.68
C ASP A 50 -17.33 6.72 -20.66
N ASP A 51 -16.96 6.00 -21.72
CA ASP A 51 -17.45 4.63 -21.88
C ASP A 51 -16.42 3.63 -22.44
N LYS A 52 -15.18 4.07 -22.58
CA LYS A 52 -14.17 3.18 -23.13
C LYS A 52 -13.49 2.38 -22.03
N ARG A 53 -13.41 1.08 -22.24
CA ARG A 53 -12.78 0.17 -21.30
C ARG A 53 -11.38 -0.19 -21.78
N PRO A 54 -10.35 0.05 -20.95
CA PRO A 54 -9.00 -0.34 -21.36
C PRO A 54 -8.92 -1.85 -21.53
N SER A 55 -7.99 -2.30 -22.35
CA SER A 55 -7.75 -3.73 -22.49
C SER A 55 -7.38 -4.27 -21.10
N GLY A 56 -7.76 -5.50 -20.82
CA GLY A 56 -7.43 -6.11 -19.55
C GLY A 56 -8.45 -5.86 -18.45
N ILE A 57 -9.38 -4.94 -18.68
CA ILE A 57 -10.43 -4.61 -17.69
C ILE A 57 -11.74 -5.34 -18.00
N PRO A 58 -12.26 -6.11 -17.03
CA PRO A 58 -13.47 -6.95 -17.18
C PRO A 58 -14.67 -6.19 -17.73
N GLU A 59 -15.44 -6.83 -18.61
CA GLU A 59 -16.59 -6.21 -19.26
C GLU A 59 -17.71 -5.80 -18.30
N ARG A 60 -17.71 -6.34 -17.10
CA ARG A 60 -18.73 -5.97 -16.15
C ARG A 60 -18.61 -4.52 -15.69
N PHE A 61 -17.47 -3.92 -15.96
CA PHE A 61 -17.29 -2.49 -15.75
C PHE A 61 -17.73 -1.79 -17.00
N SER A 62 -18.63 -0.82 -16.88
CA SER A 62 -18.96 0.00 -18.02
C SER A 62 -19.23 1.44 -17.59
N GLY A 63 -19.31 2.33 -18.56
CA GLY A 63 -19.46 3.73 -18.24
C GLY A 63 -20.42 4.42 -19.16
N SER A 64 -21.08 5.44 -18.66
CA SER A 64 -21.99 6.21 -19.49
C SER A 64 -22.01 7.62 -18.96
N SER A 65 -22.58 8.54 -19.74
CA SER A 65 -22.63 9.92 -19.35
C SER A 65 -23.76 10.64 -20.10
N SER A 66 -24.39 11.59 -19.42
CA SER A 66 -25.41 12.46 -20.02
C SER A 66 -25.49 13.70 -19.16
N GLY A 67 -25.73 14.84 -19.79
CA GLY A 67 -25.72 16.12 -19.09
C GLY A 67 -24.38 16.37 -18.43
N ASN A 68 -24.41 16.75 -17.15
CA ASN A 68 -23.20 16.96 -16.39
C ASN A 68 -22.91 15.78 -15.46
N THR A 69 -23.59 14.66 -15.71
CA THR A 69 -23.43 13.48 -14.84
C THR A 69 -22.87 12.28 -15.58
N ALA A 70 -21.76 11.76 -15.07
CA ALA A 70 -21.21 10.51 -15.56
C ALA A 70 -21.45 9.40 -14.54
N ILE A 71 -21.58 8.17 -15.02
CA ILE A 71 -21.95 7.07 -14.15
C ILE A 71 -21.03 5.91 -14.41
N LEU A 72 -20.50 5.34 -13.34
CA LEU A 72 -19.73 4.11 -13.50
C LEU A 72 -20.64 2.98 -13.07
N THR A 73 -20.78 1.98 -13.93
CA THR A 73 -21.69 0.87 -13.60
C THR A 73 -20.93 -0.44 -13.54
N LEU A 74 -21.13 -1.17 -12.46
CA LEU A 74 -20.49 -2.47 -12.26
C LEU A 74 -21.52 -3.60 -12.14
N SER A 75 -21.51 -4.52 -13.11
CA SER A 75 -22.41 -5.67 -13.12
C SER A 75 -21.86 -6.84 -12.32
N GLY A 76 -22.75 -7.72 -11.85
CA GLY A 76 -22.36 -8.94 -11.17
C GLY A 76 -21.27 -8.73 -10.14
N ALA A 77 -21.49 -7.77 -9.25
CA ALA A 77 -20.48 -7.40 -8.24
C ALA A 77 -19.95 -8.62 -7.51
N GLN A 78 -18.64 -8.64 -7.32
CA GLN A 78 -17.97 -9.73 -6.65
C GLN A 78 -17.22 -9.13 -5.48
N ALA A 79 -16.76 -9.98 -4.57
CA ALA A 79 -16.09 -9.48 -3.39
C ALA A 79 -14.77 -8.77 -3.74
N MET A 80 -14.14 -9.18 -4.84
CA MET A 80 -12.87 -8.57 -5.26
C MET A 80 -13.06 -7.17 -5.87
N ASP A 81 -14.29 -6.72 -6.05
CA ASP A 81 -14.53 -5.41 -6.66
C ASP A 81 -14.56 -4.33 -5.58
N GLU A 82 -14.48 -4.76 -4.33
CA GLU A 82 -14.46 -3.84 -3.21
C GLU A 82 -13.24 -2.91 -3.31
N ALA A 83 -13.49 -1.60 -3.33
CA ALA A 83 -12.45 -0.64 -3.67
C ALA A 83 -12.98 0.77 -3.50
N ASP A 84 -12.08 1.75 -3.52
CA ASP A 84 -12.50 3.14 -3.74
C ASP A 84 -12.54 3.42 -5.23
N TYR A 85 -13.55 4.16 -5.68
CA TYR A 85 -13.64 4.55 -7.09
C TYR A 85 -13.63 6.07 -7.24
N TYR A 86 -12.72 6.55 -8.07
CA TYR A 86 -12.54 7.99 -8.32
C TYR A 86 -12.89 8.37 -9.74
N CYS A 87 -13.77 9.36 -9.89
CA CYS A 87 -13.97 9.94 -11.21
C CYS A 87 -12.94 11.05 -11.42
N GLN A 88 -12.64 11.34 -12.68
CA GLN A 88 -11.70 12.40 -12.96
C GLN A 88 -12.08 13.10 -14.25
N ALA A 89 -11.96 14.41 -14.24
CA ALA A 89 -12.31 15.20 -15.39
C ALA A 89 -11.05 15.85 -15.94
N TRP A 90 -11.18 16.44 -17.12
CA TRP A 90 -10.07 17.12 -17.78
C TRP A 90 -10.67 18.25 -18.58
N ALA A 91 -10.31 19.48 -18.24
CA ALA A 91 -10.94 20.64 -18.89
C ALA A 91 -9.92 21.50 -19.64
N SER A 92 -9.52 22.62 -19.03
CA SER A 92 -8.54 23.51 -19.63
C SER A 92 -7.25 22.74 -19.84
N THR A 93 -6.42 22.72 -18.81
CA THR A 93 -5.25 21.85 -18.80
C THR A 93 -5.07 21.47 -17.34
N THR A 94 -6.20 21.09 -16.73
CA THR A 94 -6.29 20.81 -15.30
C THR A 94 -6.96 19.46 -15.09
N VAL A 95 -6.30 18.59 -14.31
CA VAL A 95 -6.92 17.33 -13.95
C VAL A 95 -7.73 17.59 -12.68
N ILE A 96 -8.99 17.17 -12.71
CA ILE A 96 -9.86 17.28 -11.53
C ILE A 96 -10.28 15.90 -11.06
N PHE A 97 -10.20 15.66 -9.74
CA PHE A 97 -10.71 14.43 -9.16
C PHE A 97 -11.96 14.61 -8.27
N GLY A 98 -12.89 13.66 -8.34
CA GLY A 98 -13.95 13.59 -7.35
C GLY A 98 -13.41 13.08 -6.01
N GLY A 99 -14.25 13.08 -4.97
CA GLY A 99 -13.80 12.69 -3.65
C GLY A 99 -13.62 11.19 -3.43
N GLY A 100 -13.96 10.39 -4.42
CA GLY A 100 -13.90 8.94 -4.27
C GLY A 100 -15.19 8.39 -3.69
N THR A 101 -15.52 7.17 -4.11
CA THR A 101 -16.69 6.44 -3.61
C THR A 101 -16.23 5.08 -3.13
N ARG A 102 -16.42 4.81 -1.85
CA ARG A 102 -16.05 3.51 -1.31
C ARG A 102 -17.15 2.48 -1.63
N LEU A 103 -16.84 1.49 -2.45
CA LEU A 103 -17.80 0.44 -2.76
C LEU A 103 -17.73 -0.71 -1.76
N THR A 104 -18.86 -1.01 -1.15
CA THR A 104 -18.90 -2.10 -0.19
C THR A 104 -19.69 -3.28 -0.76
N VAL A 105 -19.07 -4.47 -0.77
CA VAL A 105 -19.78 -5.67 -1.16
C VAL A 105 -20.23 -6.48 0.07
N LEU A 106 -21.54 -6.58 0.24
CA LEU A 106 -22.14 -7.27 1.36
C LEU A 106 -22.11 -8.79 1.23
N GLY A 107 -22.48 -9.47 2.31
CA GLY A 107 -22.71 -10.91 2.29
C GLY A 107 -21.51 -11.82 2.31
N GLN A 108 -20.32 -11.26 2.54
CA GLN A 108 -19.12 -12.08 2.67
C GLN A 108 -19.22 -13.01 3.89
N PRO A 109 -18.84 -14.27 3.71
CA PRO A 109 -18.94 -15.27 4.78
C PRO A 109 -17.93 -15.05 5.89
N LYS A 110 -18.29 -15.46 7.10
CA LYS A 110 -17.41 -15.37 8.24
C LYS A 110 -16.19 -16.27 8.04
N ALA A 111 -15.05 -15.82 8.55
CA ALA A 111 -13.83 -16.60 8.49
C ALA A 111 -13.06 -16.37 9.77
N ALA A 112 -12.78 -17.46 10.48
CA ALA A 112 -11.96 -17.44 11.68
C ALA A 112 -10.50 -17.16 11.30
N PRO A 113 -9.75 -16.48 12.19
CA PRO A 113 -8.39 -16.06 11.87
C PRO A 113 -7.35 -17.18 11.97
N SER A 114 -6.40 -17.19 11.04
CA SER A 114 -5.24 -18.07 11.14
C SER A 114 -4.14 -17.35 11.87
N VAL A 115 -3.55 -18.02 12.84
CA VAL A 115 -2.51 -17.41 13.66
C VAL A 115 -1.18 -18.12 13.48
N THR A 116 -0.14 -17.33 13.24
CA THR A 116 1.22 -17.86 13.27
C THR A 116 1.94 -17.18 14.41
N LEU A 117 2.64 -17.95 15.24
CA LEU A 117 3.34 -17.39 16.40
C LEU A 117 4.82 -17.78 16.49
N PHE A 118 5.70 -16.79 16.29
CA PHE A 118 7.14 -17.04 16.31
C PHE A 118 7.73 -16.66 17.64
N PRO A 119 8.59 -17.53 18.19
CA PRO A 119 9.39 -17.19 19.38
C PRO A 119 10.54 -16.26 18.98
N PRO A 120 11.21 -15.64 19.97
CA PRO A 120 12.36 -14.83 19.58
C PRO A 120 13.44 -15.70 18.96
N SER A 121 14.10 -15.14 17.95
CA SER A 121 15.23 -15.77 17.29
C SER A 121 16.46 -15.84 18.20
N SER A 122 17.36 -16.75 17.89
CA SER A 122 18.63 -16.87 18.61
C SER A 122 19.44 -15.59 18.46
N GLU A 123 19.40 -15.02 17.26
CA GLU A 123 20.13 -13.80 16.98
C GLU A 123 19.65 -12.61 17.82
N GLU A 124 18.34 -12.48 18.02
CA GLU A 124 17.82 -11.38 18.82
C GLU A 124 18.23 -11.59 20.30
N LEU A 125 18.11 -12.83 20.76
CA LEU A 125 18.54 -13.24 22.09
C LEU A 125 20.01 -12.86 22.29
N GLN A 126 20.83 -13.15 21.29
CA GLN A 126 22.26 -12.82 21.30
C GLN A 126 22.50 -11.31 21.42
N ALA A 127 21.57 -10.53 20.89
CA ALA A 127 21.57 -9.08 21.00
C ALA A 127 20.84 -8.61 22.26
N ASN A 128 20.53 -9.56 23.16
CA ASN A 128 19.96 -9.23 24.46
C ASN A 128 18.57 -8.58 24.40
N LYS A 129 17.80 -8.93 23.38
CA LYS A 129 16.41 -8.52 23.28
C LYS A 129 15.56 -9.76 23.03
N ALA A 130 14.24 -9.60 23.04
CA ALA A 130 13.33 -10.71 22.82
C ALA A 130 11.95 -10.22 22.41
N THR A 131 11.51 -10.65 21.25
CA THR A 131 10.22 -10.23 20.70
C THR A 131 9.46 -11.46 20.26
N LEU A 132 8.22 -11.60 20.74
CA LEU A 132 7.34 -12.66 20.26
C LEU A 132 6.44 -12.04 19.19
N VAL A 133 6.22 -12.78 18.11
CA VAL A 133 5.55 -12.23 16.95
C VAL A 133 4.32 -13.04 16.63
N CYS A 134 3.15 -12.41 16.73
CA CYS A 134 1.89 -13.08 16.49
C CYS A 134 1.25 -12.50 15.24
N LEU A 135 1.18 -13.32 14.20
CA LEU A 135 0.62 -12.87 12.91
C LEU A 135 -0.75 -13.47 12.65
N ILE A 136 -1.71 -12.60 12.36
CA ILE A 136 -3.10 -12.96 12.32
C ILE A 136 -3.64 -12.65 10.93
N SER A 137 -4.16 -13.65 10.25
CA SER A 137 -4.57 -13.37 8.88
C SER A 137 -5.86 -14.09 8.44
N ASP A 138 -6.37 -13.69 7.28
CA ASP A 138 -7.50 -14.37 6.64
C ASP A 138 -8.75 -14.40 7.51
N PHE A 139 -9.02 -13.34 8.24
CA PHE A 139 -10.26 -13.34 9.00
C PHE A 139 -11.28 -12.35 8.46
N TYR A 140 -12.54 -12.60 8.81
CA TYR A 140 -13.61 -11.70 8.43
C TYR A 140 -14.75 -12.00 9.38
N PRO A 141 -15.41 -10.94 9.92
CA PRO A 141 -15.18 -9.50 9.70
C PRO A 141 -13.87 -9.03 10.31
N GLY A 142 -13.50 -7.79 10.01
CA GLY A 142 -12.18 -7.27 10.33
C GLY A 142 -12.11 -6.61 11.69
N ALA A 143 -12.53 -7.33 12.71
CA ALA A 143 -12.39 -6.83 14.08
C ALA A 143 -11.93 -7.95 15.02
N VAL A 144 -10.78 -7.72 15.65
CA VAL A 144 -10.24 -8.63 16.65
C VAL A 144 -9.65 -7.84 17.78
N THR A 145 -9.49 -8.50 18.92
CA THR A 145 -8.67 -7.95 20.00
C THR A 145 -7.64 -9.02 20.35
N VAL A 146 -6.44 -8.59 20.75
CA VAL A 146 -5.37 -9.54 20.99
C VAL A 146 -4.87 -9.42 22.40
N ALA A 147 -4.77 -10.55 23.09
CA ALA A 147 -4.26 -10.56 24.44
C ALA A 147 -3.13 -11.56 24.51
N TRP A 148 -2.19 -11.32 25.42
CA TRP A 148 -1.08 -12.24 25.59
C TRP A 148 -1.12 -12.85 26.98
N LYS A 149 -0.56 -14.05 27.09
CA LYS A 149 -0.43 -14.72 28.37
C LYS A 149 0.97 -15.25 28.57
N ALA A 150 1.40 -15.25 29.82
CA ALA A 150 2.63 -15.90 30.24
C ALA A 150 2.20 -16.90 31.27
N ASP A 151 2.40 -18.18 30.98
CA ASP A 151 1.96 -19.26 31.87
C ASP A 151 0.56 -19.02 32.43
N SER A 152 -0.44 -19.00 31.56
CA SER A 152 -1.85 -18.88 31.97
C SER A 152 -2.25 -17.55 32.63
N SER A 153 -1.30 -16.65 32.83
CA SER A 153 -1.61 -15.33 33.40
C SER A 153 -1.41 -14.19 32.40
N PRO A 154 -2.31 -13.19 32.41
CA PRO A 154 -2.27 -12.07 31.48
C PRO A 154 -0.95 -11.30 31.49
N VAL A 155 -0.54 -10.81 30.32
CA VAL A 155 0.65 -9.98 30.21
C VAL A 155 0.27 -8.58 29.77
N LYS A 156 0.40 -7.63 30.69
CA LYS A 156 0.04 -6.24 30.42
C LYS A 156 1.08 -5.56 29.55
N ALA A 157 2.32 -5.56 30.05
CA ALA A 157 3.40 -4.75 29.50
C ALA A 157 4.10 -5.39 28.30
N GLY A 158 4.56 -4.55 27.39
CA GLY A 158 5.34 -5.00 26.26
C GLY A 158 4.51 -5.39 25.06
N VAL A 159 3.22 -5.08 25.09
CA VAL A 159 2.32 -5.45 24.00
C VAL A 159 2.10 -4.32 22.98
N GLU A 160 2.36 -4.64 21.72
CA GLU A 160 2.19 -3.68 20.64
C GLU A 160 1.33 -4.30 19.55
N THR A 161 0.15 -3.75 19.31
CA THR A 161 -0.81 -4.40 18.41
C THR A 161 -1.30 -3.46 17.32
N THR A 162 -1.34 -3.95 16.08
CA THR A 162 -1.90 -3.22 14.96
C THR A 162 -3.42 -3.30 14.94
N THR A 163 -4.02 -2.42 14.15
CA THR A 163 -5.45 -2.51 13.86
C THR A 163 -5.56 -3.37 12.62
N PRO A 164 -6.73 -4.01 12.40
CA PRO A 164 -6.85 -4.88 11.21
C PRO A 164 -6.69 -4.10 9.91
N SER A 165 -6.38 -4.80 8.82
CA SER A 165 -6.19 -4.19 7.51
C SER A 165 -6.55 -5.19 6.43
N LYS A 166 -7.09 -4.69 5.32
CA LYS A 166 -7.59 -5.57 4.27
C LYS A 166 -6.49 -6.30 3.49
N GLN A 167 -6.61 -7.61 3.39
CA GLN A 167 -5.71 -8.39 2.54
C GLN A 167 -6.14 -8.27 1.09
N SER A 168 -5.41 -8.93 0.19
CA SER A 168 -5.76 -8.94 -1.21
C SER A 168 -7.09 -9.68 -1.40
N ASN A 169 -7.23 -10.84 -0.75
CA ASN A 169 -8.43 -11.66 -0.90
C ASN A 169 -9.64 -11.11 -0.13
N ASN A 170 -9.54 -9.85 0.28
CA ASN A 170 -10.61 -9.15 1.00
C ASN A 170 -10.96 -9.65 2.39
N LYS A 171 -10.14 -10.55 2.94
CA LYS A 171 -10.19 -10.83 4.37
C LYS A 171 -9.20 -9.87 5.03
N TYR A 172 -9.03 -9.96 6.35
CA TYR A 172 -8.19 -9.00 7.07
C TYR A 172 -6.94 -9.63 7.66
N ALA A 173 -5.96 -8.78 7.99
CA ALA A 173 -4.76 -9.23 8.66
C ALA A 173 -4.49 -8.32 9.83
N ALA A 174 -3.83 -8.84 10.85
CA ALA A 174 -3.36 -8.00 11.95
C ALA A 174 -2.10 -8.62 12.55
N SER A 175 -1.42 -7.89 13.40
CA SER A 175 -0.26 -8.46 14.08
C SER A 175 -0.09 -7.87 15.47
N SER A 176 0.62 -8.61 16.31
CA SER A 176 0.86 -8.17 17.67
C SER A 176 2.25 -8.64 18.06
N TYR A 177 2.97 -7.78 18.79
CA TYR A 177 4.34 -8.02 19.20
C TYR A 177 4.48 -7.91 20.73
N LEU A 178 5.07 -8.93 21.36
CA LEU A 178 5.30 -8.92 22.80
C LEU A 178 6.79 -8.85 23.06
N SER A 179 7.23 -7.76 23.69
CA SER A 179 8.66 -7.57 23.96
C SER A 179 8.96 -8.06 25.36
N LEU A 180 10.09 -8.76 25.50
CA LEU A 180 10.47 -9.43 26.74
C LEU A 180 11.97 -9.31 26.85
N THR A 181 12.51 -9.48 28.06
CA THR A 181 13.94 -9.65 28.22
C THR A 181 14.23 -11.13 28.01
N PRO A 182 15.45 -11.47 27.62
CA PRO A 182 15.79 -12.87 27.38
C PRO A 182 15.52 -13.76 28.60
N GLU A 183 15.77 -13.24 29.80
CA GLU A 183 15.59 -14.04 30.99
C GLU A 183 14.11 -14.23 31.32
N GLN A 184 13.28 -13.25 30.98
CA GLN A 184 11.84 -13.42 31.10
C GLN A 184 11.44 -14.59 30.20
N TRP A 185 11.73 -14.47 28.91
CA TRP A 185 11.46 -15.50 27.92
C TRP A 185 11.83 -16.90 28.40
N LYS A 186 13.07 -17.04 28.90
CA LYS A 186 13.59 -18.33 29.34
C LYS A 186 13.01 -18.83 30.67
N SER A 187 12.39 -17.95 31.44
CA SER A 187 11.97 -18.31 32.80
C SER A 187 10.55 -18.82 32.88
N HIS A 188 9.82 -18.72 31.77
CA HIS A 188 8.44 -19.20 31.75
C HIS A 188 8.33 -20.45 30.90
N ARG A 189 7.30 -21.25 31.16
CA ARG A 189 7.14 -22.50 30.44
C ARG A 189 6.51 -22.28 29.08
N SER A 190 5.71 -21.23 28.93
CA SER A 190 5.11 -20.92 27.63
C SER A 190 4.53 -19.52 27.62
N TYR A 191 4.37 -18.99 26.42
CA TYR A 191 3.71 -17.71 26.23
C TYR A 191 2.63 -17.90 25.16
N SER A 192 1.51 -17.21 25.31
CA SER A 192 0.38 -17.40 24.39
C SER A 192 -0.13 -16.12 23.79
N CYS A 193 -0.42 -16.17 22.50
CA CYS A 193 -1.09 -15.10 21.81
C CYS A 193 -2.54 -15.52 21.65
N GLN A 194 -3.47 -14.65 22.02
CA GLN A 194 -4.88 -15.03 22.02
C GLN A 194 -5.72 -14.03 21.24
N VAL A 195 -6.36 -14.52 20.19
CA VAL A 195 -7.12 -13.63 19.34
C VAL A 195 -8.60 -13.85 19.53
N THR A 196 -9.28 -12.79 19.95
CA THR A 196 -10.72 -12.81 20.08
C THR A 196 -11.34 -12.31 18.80
N HIS A 197 -12.20 -13.15 18.18
CA HIS A 197 -12.84 -12.83 16.91
C HIS A 197 -14.25 -13.39 16.86
N GLU A 198 -15.22 -12.50 16.70
CA GLU A 198 -16.63 -12.87 16.58
C GLU A 198 -17.06 -13.82 17.69
N GLY A 199 -16.78 -13.45 18.93
CA GLY A 199 -17.20 -14.23 20.09
C GLY A 199 -16.40 -15.47 20.38
N SER A 200 -15.41 -15.78 19.56
CA SER A 200 -14.54 -16.89 19.90
C SER A 200 -13.09 -16.44 20.18
N THR A 201 -12.33 -17.36 20.75
CA THR A 201 -10.96 -17.07 21.10
C THR A 201 -10.01 -18.07 20.43
N VAL A 202 -9.02 -17.55 19.73
CA VAL A 202 -8.10 -18.39 18.97
C VAL A 202 -6.70 -18.26 19.55
N GLU A 203 -6.09 -19.37 19.92
CA GLU A 203 -4.86 -19.31 20.66
C GLU A 203 -3.73 -20.12 20.05
N LYS A 204 -2.54 -19.52 20.01
CA LYS A 204 -1.31 -20.26 19.75
C LYS A 204 -0.34 -20.07 20.92
N THR A 205 0.45 -21.11 21.21
CA THR A 205 1.39 -21.04 22.30
C THR A 205 2.81 -21.45 21.87
N VAL A 206 3.83 -20.81 22.44
CA VAL A 206 5.21 -21.24 22.21
C VAL A 206 5.99 -21.37 23.52
N ALA A 207 6.81 -22.41 23.60
CA ALA A 207 7.57 -22.70 24.79
C ALA A 207 9.05 -22.58 24.47
N PRO A 208 9.84 -21.92 25.34
CA PRO A 208 11.29 -21.73 25.16
C PRO A 208 11.99 -23.02 24.75
N THR A 209 11.65 -24.13 25.39
CA THR A 209 12.17 -25.44 24.99
C THR A 209 11.50 -25.90 23.68
N GLU A 210 11.21 -27.18 23.56
CA GLU A 210 10.44 -27.71 22.41
C GLU A 210 11.11 -27.55 21.04
N GLN B 1 2.32 0.36 -23.18
CA GLN B 1 3.66 0.44 -23.74
C GLN B 1 4.48 1.62 -23.19
N VAL B 2 4.51 1.75 -21.87
CA VAL B 2 5.42 2.68 -21.20
C VAL B 2 5.49 2.31 -19.73
N GLN B 3 6.71 2.22 -19.20
CA GLN B 3 6.87 1.89 -17.80
C GLN B 3 7.42 3.08 -17.03
N LEU B 4 6.68 3.53 -16.03
CA LEU B 4 7.11 4.66 -15.24
C LEU B 4 7.64 4.15 -13.90
N VAL B 5 8.86 4.54 -13.58
CA VAL B 5 9.51 4.13 -12.34
C VAL B 5 9.95 5.37 -11.57
N GLN B 6 9.54 5.43 -10.30
CA GLN B 6 9.72 6.61 -9.46
C GLN B 6 10.89 6.39 -8.52
N SER B 7 11.51 7.51 -8.10
CA SER B 7 12.61 7.49 -7.12
C SER B 7 12.07 6.95 -5.78
N GLY B 8 12.97 6.67 -4.84
CA GLY B 8 12.56 5.97 -3.63
C GLY B 8 11.99 6.86 -2.54
N ALA B 9 11.35 6.25 -1.56
CA ALA B 9 10.78 6.97 -0.43
C ALA B 9 11.84 7.81 0.31
N GLU B 10 11.40 8.91 0.91
CA GLU B 10 12.29 9.82 1.63
C GLU B 10 11.62 10.42 2.83
N VAL B 11 12.42 10.74 3.85
CA VAL B 11 11.98 11.64 4.90
C VAL B 11 12.61 13.02 4.64
N LYS B 12 11.91 14.07 5.04
CA LYS B 12 12.32 15.46 4.81
C LYS B 12 11.89 16.26 6.04
N LYS B 13 12.73 17.22 6.45
CA LYS B 13 12.39 18.10 7.57
C LYS B 13 11.44 19.18 7.05
N PRO B 14 10.60 19.73 7.96
CA PRO B 14 9.76 20.89 7.65
C PRO B 14 10.63 22.04 7.14
N GLY B 15 10.19 22.72 6.08
CA GLY B 15 10.94 23.81 5.50
C GLY B 15 11.74 23.40 4.28
N SER B 16 12.12 22.13 4.22
CA SER B 16 12.95 21.64 3.11
C SER B 16 12.12 21.42 1.86
N SER B 17 12.77 20.85 0.84
CA SER B 17 12.11 20.61 -0.43
C SER B 17 12.32 19.16 -0.80
N ALA B 18 11.33 18.56 -1.46
CA ALA B 18 11.47 17.19 -1.92
C ALA B 18 11.44 17.10 -3.45
N LYS B 19 12.32 16.26 -3.99
CA LYS B 19 12.38 15.99 -5.41
C LYS B 19 11.96 14.55 -5.66
N VAL B 20 10.90 14.36 -6.46
CA VAL B 20 10.52 13.03 -6.89
C VAL B 20 10.66 12.91 -8.40
N SER B 21 11.30 11.84 -8.84
CA SER B 21 11.59 11.63 -10.26
C SER B 21 10.75 10.47 -10.80
N CYS B 22 10.42 10.56 -12.07
CA CYS B 22 9.58 9.58 -12.72
C CYS B 22 10.28 9.29 -14.04
N LYS B 23 10.86 8.11 -14.15
CA LYS B 23 11.62 7.70 -15.33
C LYS B 23 10.81 6.76 -16.18
N ALA B 24 10.76 7.04 -17.46
CA ALA B 24 10.00 6.22 -18.39
C ALA B 24 10.95 5.30 -19.12
N SER B 25 10.63 4.02 -19.11
CA SER B 25 11.29 3.06 -20.00
C SER B 25 10.26 2.58 -21.01
N ARG B 26 10.73 1.84 -22.01
CA ARG B 26 9.87 1.28 -23.06
C ARG B 26 8.92 2.32 -23.64
N GLY B 27 9.37 3.57 -23.70
CA GLY B 27 8.53 4.65 -24.15
C GLY B 27 9.27 5.97 -24.07
N THR B 28 8.89 6.90 -24.93
CA THR B 28 9.53 8.20 -24.97
C THR B 28 8.67 9.17 -24.19
N LEU B 29 9.28 9.87 -23.24
CA LEU B 29 8.53 10.69 -22.28
C LEU B 29 7.76 11.81 -22.97
N SER B 30 8.33 12.38 -24.00
CA SER B 30 7.72 13.52 -24.67
C SER B 30 6.50 13.11 -25.51
N SER B 31 6.31 11.80 -25.67
CA SER B 31 5.07 11.31 -26.27
C SER B 31 3.88 11.45 -25.32
N TYR B 32 4.15 11.79 -24.06
CA TYR B 32 3.12 11.78 -23.02
C TYR B 32 2.87 13.11 -22.31
N PHE B 33 1.65 13.26 -21.80
CA PHE B 33 1.41 14.25 -20.76
C PHE B 33 1.67 13.57 -19.43
N ILE B 34 2.60 14.11 -18.66
CA ILE B 34 2.97 13.53 -17.39
C ILE B 34 2.30 14.32 -16.28
N SER B 35 1.63 13.60 -15.38
CA SER B 35 0.84 14.24 -14.37
C SER B 35 1.31 13.78 -13.00
N TRP B 36 1.30 14.70 -12.05
CA TRP B 36 1.69 14.33 -10.70
C TRP B 36 0.48 14.42 -9.77
N VAL B 37 0.29 13.36 -9.00
CA VAL B 37 -0.90 13.23 -8.17
C VAL B 37 -0.44 12.72 -6.81
N ARG B 38 -0.98 13.29 -5.74
CA ARG B 38 -0.63 12.76 -4.44
C ARG B 38 -1.84 12.25 -3.64
N GLN B 39 -1.53 11.40 -2.68
CA GLN B 39 -2.53 10.88 -1.79
C GLN B 39 -1.98 10.87 -0.37
N ALA B 40 -2.50 11.75 0.47
CA ALA B 40 -2.27 11.69 1.91
C ALA B 40 -2.92 10.41 2.50
N PRO B 41 -2.39 9.91 3.62
CA PRO B 41 -2.91 8.65 4.17
C PRO B 41 -4.41 8.68 4.46
N GLY B 42 -5.12 7.68 3.95
CA GLY B 42 -6.55 7.55 4.15
C GLY B 42 -7.35 8.64 3.50
N GLN B 43 -6.74 9.42 2.60
CA GLN B 43 -7.45 10.49 1.88
C GLN B 43 -7.59 10.21 0.37
N GLY B 44 -8.10 11.17 -0.36
CA GLY B 44 -8.29 11.02 -1.80
C GLY B 44 -7.12 11.46 -2.68
N LEU B 45 -7.37 11.43 -3.98
CA LEU B 45 -6.36 11.77 -4.96
C LEU B 45 -6.35 13.27 -5.20
N GLU B 46 -5.16 13.86 -5.15
CA GLU B 46 -5.02 15.29 -5.30
C GLU B 46 -4.05 15.63 -6.43
N TRP B 47 -4.51 16.41 -7.40
CA TRP B 47 -3.66 16.80 -8.50
C TRP B 47 -2.66 17.87 -8.03
N LEU B 48 -1.42 17.78 -8.51
CA LEU B 48 -0.38 18.77 -8.23
C LEU B 48 -0.13 19.61 -9.48
N GLY B 49 -0.09 18.94 -10.64
CA GLY B 49 0.17 19.60 -11.90
C GLY B 49 0.65 18.63 -12.96
N GLY B 50 0.94 19.15 -14.14
CA GLY B 50 1.44 18.29 -15.20
C GLY B 50 2.37 18.98 -16.18
N ILE B 51 2.94 18.19 -17.09
CA ILE B 51 3.89 18.72 -18.06
C ILE B 51 3.84 17.96 -19.39
N THR B 52 3.93 18.71 -20.48
CA THR B 52 4.05 18.16 -21.81
C THR B 52 5.47 18.37 -22.32
N PRO B 53 6.38 17.41 -22.04
CA PRO B 53 7.80 17.57 -22.37
C PRO B 53 8.02 17.93 -23.83
N LEU B 54 7.09 17.53 -24.70
CA LEU B 54 7.10 17.90 -26.11
C LEU B 54 7.04 19.42 -26.26
N LEU B 55 6.06 20.04 -25.60
CA LEU B 55 5.92 21.50 -25.64
C LEU B 55 6.80 22.18 -24.60
N GLY B 56 7.23 21.41 -23.61
CA GLY B 56 8.09 21.94 -22.56
C GLY B 56 7.31 22.66 -21.47
N THR B 57 6.03 22.93 -21.74
CA THR B 57 5.19 23.66 -20.80
C THR B 57 4.66 22.80 -19.64
N ALA B 58 4.41 23.45 -18.51
CA ALA B 58 3.86 22.77 -17.35
C ALA B 58 2.71 23.60 -16.77
N ASN B 59 1.68 22.91 -16.25
CA ASN B 59 0.54 23.57 -15.65
C ASN B 59 0.36 23.10 -14.20
N TYR B 60 -0.06 24.00 -13.31
CA TYR B 60 -0.11 23.65 -11.90
C TYR B 60 -1.50 23.76 -11.30
N ALA B 61 -1.84 22.87 -10.38
CA ALA B 61 -3.06 23.05 -9.59
C ALA B 61 -2.94 24.35 -8.81
N GLN B 62 -4.04 25.07 -8.66
CA GLN B 62 -4.04 26.38 -8.01
C GLN B 62 -3.58 26.34 -6.56
N LYS B 63 -3.82 25.22 -5.87
CA LYS B 63 -3.41 25.04 -4.48
C LYS B 63 -1.88 24.94 -4.34
N PHE B 64 -1.20 24.56 -5.42
CA PHE B 64 0.22 24.27 -5.33
C PHE B 64 1.09 25.24 -6.13
N GLN B 65 0.44 26.21 -6.78
CA GLN B 65 1.14 27.24 -7.55
C GLN B 65 2.25 27.94 -6.74
N GLY B 66 3.47 27.95 -7.27
CA GLY B 66 4.58 28.59 -6.60
C GLY B 66 5.27 27.76 -5.51
N ARG B 67 4.73 26.57 -5.25
CA ARG B 67 5.33 25.64 -4.28
C ARG B 67 5.82 24.38 -4.97
N VAL B 68 5.12 23.97 -6.02
CA VAL B 68 5.55 22.80 -6.75
C VAL B 68 6.10 23.22 -8.10
N THR B 69 7.18 22.57 -8.51
CA THR B 69 7.81 22.83 -9.79
C THR B 69 7.97 21.52 -10.53
N ILE B 70 7.52 21.48 -11.77
CA ILE B 70 7.52 20.24 -12.52
C ILE B 70 8.30 20.45 -13.81
N THR B 71 9.30 19.61 -14.04
CA THR B 71 10.17 19.70 -15.20
C THR B 71 10.39 18.32 -15.75
N ALA B 72 11.14 18.26 -16.84
CA ALA B 72 11.47 16.99 -17.47
C ALA B 72 12.86 17.09 -18.09
N ASP B 73 13.55 15.96 -18.17
CA ASP B 73 14.83 15.88 -18.84
C ASP B 73 14.74 14.95 -20.06
N LYS B 74 14.83 15.53 -21.24
CA LYS B 74 14.79 14.77 -22.48
C LYS B 74 15.82 13.66 -22.54
N SER B 75 17.08 14.01 -22.32
CA SER B 75 18.18 13.06 -22.46
C SER B 75 18.07 11.87 -21.52
N THR B 76 17.50 12.06 -20.34
CA THR B 76 17.31 10.92 -19.43
C THR B 76 15.89 10.37 -19.42
N ASN B 77 15.02 10.91 -20.29
CA ASN B 77 13.66 10.39 -20.41
C ASN B 77 12.97 10.38 -19.03
N THR B 78 13.15 11.45 -18.26
CA THR B 78 12.71 11.48 -16.87
C THR B 78 11.95 12.75 -16.52
N ALA B 79 10.83 12.61 -15.79
CA ALA B 79 10.11 13.80 -15.32
C ALA B 79 10.38 14.03 -13.85
N PHE B 80 10.22 15.28 -13.40
CA PHE B 80 10.52 15.66 -12.04
C PHE B 80 9.43 16.55 -11.44
N MET B 81 9.15 16.33 -10.17
CA MET B 81 8.33 17.26 -9.41
C MET B 81 9.09 17.63 -8.16
N GLN B 82 9.08 18.92 -7.85
CA GLN B 82 9.74 19.39 -6.65
C GLN B 82 8.77 20.20 -5.84
N LEU B 83 8.62 19.83 -4.58
CA LEU B 83 7.69 20.53 -3.71
C LEU B 83 8.49 21.11 -2.56
N SER B 84 8.35 22.42 -2.33
CA SER B 84 9.16 23.09 -1.32
C SER B 84 8.34 23.59 -0.12
N SER B 85 9.03 24.18 0.85
CA SER B 85 8.40 24.63 2.09
C SER B 85 7.49 23.55 2.69
N LEU B 86 8.04 22.35 2.80
CA LEU B 86 7.28 21.20 3.23
C LEU B 86 6.76 21.35 4.66
N THR B 87 5.54 20.88 4.89
CA THR B 87 5.01 20.73 6.25
C THR B 87 4.46 19.31 6.38
N SER B 88 3.99 18.96 7.56
CA SER B 88 3.47 17.62 7.80
C SER B 88 2.24 17.34 6.92
N ASP B 89 1.56 18.40 6.49
CA ASP B 89 0.46 18.26 5.54
C ASP B 89 0.87 17.71 4.17
N ASP B 90 2.18 17.65 3.90
CA ASP B 90 2.66 17.16 2.61
C ASP B 90 3.10 15.69 2.67
N THR B 91 3.03 15.10 3.85
CA THR B 91 3.29 13.67 3.96
C THR B 91 2.24 12.94 3.12
N ALA B 92 2.70 12.19 2.13
CA ALA B 92 1.77 11.56 1.21
C ALA B 92 2.51 10.66 0.26
N VAL B 93 1.76 9.83 -0.45
CA VAL B 93 2.31 9.10 -1.59
C VAL B 93 2.11 9.96 -2.84
N TYR B 94 3.22 10.25 -3.52
CA TYR B 94 3.23 11.02 -4.76
C TYR B 94 3.37 10.07 -5.92
N TYR B 95 2.51 10.25 -6.93
CA TYR B 95 2.45 9.36 -8.10
C TYR B 95 2.68 10.19 -9.34
N CYS B 96 3.38 9.60 -10.30
CA CYS B 96 3.35 10.14 -11.65
C CYS B 96 2.45 9.24 -12.49
N ALA B 97 1.76 9.85 -13.44
CA ALA B 97 0.89 9.13 -14.34
C ALA B 97 0.99 9.77 -15.71
N GLY B 98 0.99 8.95 -16.76
CA GLY B 98 1.10 9.46 -18.11
C GLY B 98 -0.10 9.15 -18.99
N THR B 99 -0.42 10.10 -19.87
CA THR B 99 -1.41 9.85 -20.90
C THR B 99 -0.85 10.31 -22.23
N VAL B 100 -1.10 9.53 -23.27
CA VAL B 100 -0.52 9.84 -24.58
C VAL B 100 -0.98 11.22 -25.07
N TYR B 101 0.00 12.08 -25.34
CA TYR B 101 -0.28 13.43 -25.80
C TYR B 101 -1.10 13.42 -27.09
N TYR B 102 -0.88 12.38 -27.89
CA TYR B 102 -1.60 12.16 -29.14
C TYR B 102 -3.10 12.34 -28.94
N ASP B 103 -3.61 11.71 -27.89
CA ASP B 103 -5.04 11.67 -27.64
C ASP B 103 -5.58 12.96 -27.03
N ILE B 104 -4.72 13.72 -26.37
CA ILE B 104 -5.09 15.04 -25.87
C ILE B 104 -5.34 16.00 -27.05
N LEU B 105 -4.62 15.79 -28.14
CA LEU B 105 -4.82 16.59 -29.34
C LEU B 105 -5.87 15.98 -30.27
N THR B 106 -5.80 14.67 -30.47
CA THR B 106 -6.73 13.96 -31.34
C THR B 106 -7.74 13.17 -30.50
N GLY B 107 -8.76 13.86 -30.00
CA GLY B 107 -9.72 13.21 -29.12
C GLY B 107 -10.10 14.04 -27.91
N LEU B 108 -9.23 14.97 -27.53
CA LEU B 108 -9.48 15.85 -26.38
C LEU B 108 -9.89 15.06 -25.13
N TYR B 109 -9.19 13.96 -24.86
CA TYR B 109 -9.42 13.20 -23.65
C TYR B 109 -8.14 12.67 -23.03
N THR B 110 -8.23 12.39 -21.73
CA THR B 110 -7.14 11.75 -21.01
C THR B 110 -7.38 10.25 -20.91
N ASN B 111 -6.28 9.51 -20.78
CA ASN B 111 -6.37 8.09 -20.56
C ASN B 111 -5.16 7.71 -19.71
N PHE B 112 -5.20 8.12 -18.44
CA PHE B 112 -4.10 7.86 -17.50
C PHE B 112 -4.05 6.38 -17.14
N HIS B 113 -3.64 5.59 -18.12
CA HIS B 113 -3.54 4.14 -18.02
C HIS B 113 -2.21 3.69 -17.39
N TYR B 114 -1.21 4.56 -17.40
CA TYR B 114 0.12 4.17 -16.95
C TYR B 114 0.55 4.98 -15.73
N TRP B 115 0.89 4.29 -14.66
CA TRP B 115 1.16 4.87 -13.36
C TRP B 115 2.52 4.43 -12.85
N GLY B 116 3.22 5.34 -12.19
CA GLY B 116 4.42 4.97 -11.46
C GLY B 116 3.99 4.19 -10.24
N GLN B 117 4.95 3.60 -9.52
CA GLN B 117 4.62 2.78 -8.35
C GLN B 117 4.35 3.63 -7.11
N GLY B 118 4.55 4.93 -7.21
CA GLY B 118 4.27 5.84 -6.09
C GLY B 118 5.48 6.02 -5.17
N THR B 119 5.55 7.16 -4.49
CA THR B 119 6.72 7.50 -3.67
C THR B 119 6.25 8.14 -2.38
N LEU B 120 6.53 7.48 -1.27
CA LEU B 120 6.15 8.00 0.04
C LEU B 120 7.16 9.04 0.52
N VAL B 121 6.71 10.29 0.66
CA VAL B 121 7.52 11.34 1.21
C VAL B 121 6.93 11.67 2.58
N THR B 122 7.71 11.46 3.63
CA THR B 122 7.29 11.77 4.98
C THR B 122 7.97 13.03 5.48
N VAL B 123 7.18 14.00 5.94
CA VAL B 123 7.74 15.22 6.49
C VAL B 123 7.73 15.15 8.02
N SER B 124 8.91 15.17 8.62
CA SER B 124 9.06 14.91 10.05
C SER B 124 10.37 15.52 10.55
N SER B 125 10.37 15.94 11.81
CA SER B 125 11.58 16.43 12.47
C SER B 125 12.45 15.29 13.04
N ALA B 126 11.86 14.11 13.17
CA ALA B 126 12.58 12.94 13.71
C ALA B 126 13.53 12.36 12.66
N SER B 127 14.72 11.98 13.10
CA SER B 127 15.74 11.48 12.18
C SER B 127 15.46 10.06 11.71
N THR B 128 15.86 9.76 10.47
CA THR B 128 15.71 8.41 9.93
C THR B 128 16.49 7.42 10.79
N LYS B 129 15.95 6.21 10.87
CA LYS B 129 16.61 5.11 11.54
C LYS B 129 16.36 3.83 10.77
N GLY B 130 17.43 3.17 10.39
CA GLY B 130 17.34 1.91 9.69
C GLY B 130 16.95 0.80 10.64
N PRO B 131 16.34 -0.26 10.12
CA PRO B 131 15.84 -1.38 10.91
C PRO B 131 16.91 -2.42 11.23
N SER B 132 16.71 -3.16 12.32
CA SER B 132 17.44 -4.38 12.56
C SER B 132 16.59 -5.49 11.97
N VAL B 133 17.23 -6.55 11.47
CA VAL B 133 16.49 -7.63 10.87
C VAL B 133 16.83 -8.98 11.48
N PHE B 134 15.80 -9.76 11.82
CA PHE B 134 16.01 -11.07 12.46
C PHE B 134 15.22 -12.17 11.76
N PRO B 135 15.81 -13.37 11.64
CA PRO B 135 15.13 -14.46 10.93
C PRO B 135 14.08 -15.12 11.81
N LEU B 136 12.92 -15.42 11.24
CA LEU B 136 11.89 -16.18 11.95
C LEU B 136 11.94 -17.60 11.43
N ALA B 137 12.69 -18.46 12.11
CA ALA B 137 12.85 -19.84 11.68
C ALA B 137 11.53 -20.62 11.60
N PRO B 138 11.39 -21.45 10.56
CA PRO B 138 10.27 -22.40 10.46
C PRO B 138 10.54 -23.55 11.42
N SER B 139 9.49 -24.26 11.83
CA SER B 139 9.67 -25.41 12.71
C SER B 139 10.20 -26.61 11.93
N GLY B 146 3.09 -31.42 3.87
CA GLY B 146 2.66 -30.23 4.57
C GLY B 146 3.57 -29.03 4.34
N THR B 147 3.14 -27.88 4.85
CA THR B 147 3.86 -26.64 4.65
C THR B 147 4.38 -26.06 5.96
N ALA B 148 5.27 -25.08 5.85
CA ALA B 148 5.84 -24.41 7.00
C ALA B 148 5.95 -22.91 6.73
N ALA B 149 5.69 -22.11 7.76
CA ALA B 149 5.83 -20.68 7.66
C ALA B 149 7.18 -20.24 8.18
N LEU B 150 7.84 -19.35 7.46
CA LEU B 150 9.09 -18.79 7.91
C LEU B 150 9.04 -17.32 7.61
N GLY B 151 9.93 -16.53 8.20
CA GLY B 151 9.78 -15.10 8.06
C GLY B 151 10.97 -14.24 8.43
N CYS B 152 10.79 -12.94 8.30
CA CYS B 152 11.79 -11.99 8.73
C CYS B 152 11.12 -10.96 9.60
N LEU B 153 11.71 -10.69 10.74
CA LEU B 153 11.24 -9.62 11.59
C LEU B 153 12.03 -8.33 11.29
N VAL B 154 11.31 -7.25 10.99
CA VAL B 154 11.95 -6.00 10.62
C VAL B 154 11.69 -4.94 11.68
N LYS B 155 12.71 -4.65 12.47
CA LYS B 155 12.51 -4.05 13.78
C LYS B 155 13.05 -2.63 13.91
N ASP B 156 12.23 -1.74 14.47
CA ASP B 156 12.68 -0.40 14.90
C ASP B 156 13.24 0.50 13.81
N TYR B 157 12.39 0.92 12.89
CA TYR B 157 12.78 1.85 11.84
C TYR B 157 11.85 3.06 11.76
N PHE B 158 12.37 4.13 11.18
CA PHE B 158 11.58 5.32 10.93
C PHE B 158 12.16 6.05 9.72
N PRO B 159 11.30 6.54 8.83
CA PRO B 159 9.85 6.35 8.85
C PRO B 159 9.47 5.19 7.94
N GLU B 160 8.17 5.06 7.67
CA GLU B 160 7.70 4.17 6.63
C GLU B 160 8.29 4.65 5.31
N PRO B 161 8.34 3.78 4.29
CA PRO B 161 7.93 2.37 4.35
C PRO B 161 9.14 1.48 4.30
N VAL B 162 8.86 0.18 4.27
CA VAL B 162 9.88 -0.83 4.13
C VAL B 162 9.34 -1.83 3.14
N THR B 163 10.14 -2.22 2.16
CA THR B 163 9.76 -3.34 1.30
C THR B 163 10.56 -4.57 1.67
N VAL B 164 9.93 -5.72 1.52
CA VAL B 164 10.60 -6.99 1.74
C VAL B 164 10.28 -7.88 0.56
N SER B 165 11.31 -8.38 -0.10
CA SER B 165 11.11 -9.37 -1.13
C SER B 165 11.77 -10.63 -0.64
N TRP B 166 11.62 -11.70 -1.40
CA TRP B 166 12.20 -12.97 -1.02
C TRP B 166 12.94 -13.59 -2.18
N ASN B 167 14.14 -14.08 -1.90
CA ASN B 167 15.01 -14.65 -2.89
C ASN B 167 15.19 -13.69 -4.07
N SER B 168 15.39 -12.41 -3.73
CA SER B 168 15.64 -11.36 -4.72
C SER B 168 14.48 -11.20 -5.68
N GLY B 169 13.26 -11.42 -5.19
CA GLY B 169 12.09 -11.28 -6.03
C GLY B 169 11.68 -12.55 -6.72
N ALA B 170 12.54 -13.57 -6.66
CA ALA B 170 12.26 -14.84 -7.32
C ALA B 170 11.08 -15.56 -6.66
N LEU B 171 10.85 -15.29 -5.38
CA LEU B 171 9.78 -15.94 -4.64
C LEU B 171 8.69 -14.95 -4.27
N THR B 172 7.54 -15.10 -4.91
CA THR B 172 6.44 -14.16 -4.70
C THR B 172 5.23 -14.90 -4.16
N SER B 173 5.05 -16.15 -4.61
CA SER B 173 3.91 -16.93 -4.16
C SER B 173 4.07 -17.33 -2.70
N GLY B 174 3.00 -17.20 -1.91
CA GLY B 174 3.01 -17.58 -0.52
C GLY B 174 3.50 -16.50 0.41
N VAL B 175 3.72 -15.31 -0.13
CA VAL B 175 4.34 -14.25 0.64
C VAL B 175 3.33 -13.25 1.17
N HIS B 176 3.42 -12.97 2.46
CA HIS B 176 2.55 -11.99 3.09
C HIS B 176 3.41 -11.07 3.94
N THR B 177 3.50 -9.82 3.51
CA THR B 177 4.20 -8.83 4.31
C THR B 177 3.13 -8.02 5.01
N PHE B 178 3.19 -8.03 6.34
CA PHE B 178 2.14 -7.46 7.15
C PHE B 178 2.38 -5.96 7.31
N PRO B 179 1.30 -5.16 7.33
CA PRO B 179 1.47 -3.74 7.66
C PRO B 179 2.14 -3.58 9.02
N ALA B 180 2.99 -2.56 9.13
CA ALA B 180 3.82 -2.36 10.32
C ALA B 180 3.02 -1.91 11.55
N VAL B 181 3.54 -2.25 12.72
CA VAL B 181 3.08 -1.64 13.95
C VAL B 181 3.81 -0.33 14.19
N LEU B 182 3.12 0.67 14.74
CA LEU B 182 3.77 1.88 15.24
C LEU B 182 3.83 1.80 16.76
N GLN B 183 5.01 1.52 17.28
CA GLN B 183 5.19 1.34 18.70
C GLN B 183 5.07 2.68 19.41
N SER B 184 4.98 2.63 20.74
CA SER B 184 4.89 3.84 21.56
C SER B 184 6.15 4.68 21.46
N SER B 185 7.24 4.07 21.02
CA SER B 185 8.53 4.76 20.95
C SER B 185 8.64 5.61 19.69
N GLY B 186 7.64 5.53 18.82
CA GLY B 186 7.65 6.30 17.58
C GLY B 186 8.29 5.58 16.41
N LEU B 187 8.79 4.38 16.66
CA LEU B 187 9.39 3.56 15.60
C LEU B 187 8.45 2.47 15.12
N TYR B 188 8.69 2.01 13.90
CA TYR B 188 7.89 0.95 13.31
C TYR B 188 8.59 -0.41 13.39
N SER B 189 7.81 -1.48 13.31
CA SER B 189 8.35 -2.80 13.08
C SER B 189 7.33 -3.51 12.24
N LEU B 190 7.79 -4.34 11.32
CA LEU B 190 6.85 -5.19 10.60
C LEU B 190 7.44 -6.59 10.50
N SER B 191 6.65 -7.51 9.97
CA SER B 191 7.13 -8.84 9.67
C SER B 191 6.68 -9.27 8.29
N SER B 192 7.49 -10.11 7.65
CA SER B 192 7.12 -10.71 6.37
C SER B 192 7.24 -12.21 6.49
N VAL B 193 6.21 -12.93 6.08
CA VAL B 193 6.19 -14.37 6.20
C VAL B 193 5.90 -15.04 4.88
N VAL B 194 6.60 -16.13 4.60
CA VAL B 194 6.31 -16.91 3.42
C VAL B 194 6.05 -18.35 3.80
N THR B 195 4.97 -18.92 3.27
CA THR B 195 4.63 -20.31 3.53
C THR B 195 5.16 -21.20 2.42
N VAL B 196 5.99 -22.18 2.78
CA VAL B 196 6.68 -23.04 1.81
C VAL B 196 6.47 -24.52 2.16
N PRO B 197 6.77 -25.43 1.22
CA PRO B 197 6.71 -26.86 1.57
C PRO B 197 7.75 -27.23 2.61
N SER B 198 7.35 -27.96 3.64
CA SER B 198 8.30 -28.43 4.65
C SER B 198 9.39 -29.33 4.05
N SER B 199 9.06 -30.06 2.99
CA SER B 199 10.05 -30.95 2.36
C SER B 199 11.11 -30.16 1.59
N SER B 200 10.80 -28.93 1.21
CA SER B 200 11.75 -28.10 0.48
C SER B 200 12.80 -27.52 1.43
N LEU B 201 12.40 -27.38 2.69
CA LEU B 201 13.27 -26.88 3.75
C LEU B 201 14.58 -27.64 3.76
N GLY B 202 15.69 -26.94 4.02
CA GLY B 202 16.98 -27.60 4.08
C GLY B 202 17.58 -27.99 2.73
N THR B 203 16.83 -27.76 1.66
CA THR B 203 17.35 -27.99 0.31
C THR B 203 17.26 -26.71 -0.51
N GLN B 204 16.12 -26.06 -0.44
CA GLN B 204 15.95 -24.74 -1.02
C GLN B 204 16.28 -23.68 0.05
N THR B 205 16.86 -22.58 -0.38
CA THR B 205 17.29 -21.50 0.51
C THR B 205 16.20 -20.42 0.50
N TYR B 206 16.03 -19.73 1.61
CA TYR B 206 15.09 -18.62 1.70
C TYR B 206 15.76 -17.42 2.32
N ILE B 207 15.86 -16.35 1.53
CA ILE B 207 16.52 -15.13 1.95
C ILE B 207 15.54 -14.00 1.81
N CYS B 208 15.34 -13.24 2.87
CA CYS B 208 14.52 -12.05 2.73
C CYS B 208 15.42 -10.85 2.43
N ASN B 209 14.94 -9.99 1.52
CA ASN B 209 15.66 -8.79 1.12
C ASN B 209 14.92 -7.55 1.61
N VAL B 210 15.47 -6.90 2.63
CA VAL B 210 14.78 -5.79 3.27
C VAL B 210 15.34 -4.47 2.74
N ASN B 211 14.45 -3.56 2.38
CA ASN B 211 14.86 -2.25 1.89
C ASN B 211 14.14 -1.17 2.66
N HIS B 212 14.93 -0.31 3.30
CA HIS B 212 14.42 0.91 3.91
C HIS B 212 15.07 2.07 3.17
N LYS B 213 14.41 2.53 2.12
CA LYS B 213 14.94 3.60 1.30
C LYS B 213 15.23 4.92 2.04
N PRO B 214 14.35 5.32 2.99
CA PRO B 214 14.66 6.60 3.66
C PRO B 214 16.01 6.61 4.36
N SER B 215 16.49 5.45 4.80
CA SER B 215 17.77 5.40 5.49
C SER B 215 18.84 4.75 4.61
N ASN B 216 18.48 4.42 3.36
CA ASN B 216 19.37 3.65 2.50
C ASN B 216 19.89 2.38 3.17
N THR B 217 19.02 1.68 3.90
CA THR B 217 19.39 0.40 4.48
C THR B 217 18.88 -0.72 3.57
N LYS B 218 19.74 -1.70 3.35
CA LYS B 218 19.42 -2.87 2.54
C LYS B 218 20.02 -4.07 3.22
N VAL B 219 19.18 -4.90 3.81
CA VAL B 219 19.64 -6.08 4.52
C VAL B 219 19.08 -7.34 3.88
N ASP B 220 19.96 -8.30 3.60
CA ASP B 220 19.55 -9.62 3.15
C ASP B 220 19.78 -10.57 4.31
N LYS B 221 18.74 -11.31 4.68
CA LYS B 221 18.83 -12.20 5.83
C LYS B 221 18.45 -13.62 5.43
N ARG B 222 19.37 -14.56 5.65
CA ARG B 222 19.12 -15.96 5.35
C ARG B 222 18.28 -16.56 6.47
N VAL B 223 17.16 -17.18 6.12
CA VAL B 223 16.29 -17.80 7.12
C VAL B 223 16.39 -19.31 7.03
N GLU B 224 17.01 -19.93 8.04
CA GLU B 224 17.31 -21.35 8.02
C GLU B 224 16.51 -22.07 9.09
N PRO B 225 16.27 -23.39 8.92
CA PRO B 225 15.64 -24.18 9.99
C PRO B 225 16.42 -24.10 11.30
N LYS B 226 15.79 -24.49 12.40
CA LYS B 226 16.35 -24.31 13.74
C LYS B 226 17.67 -25.07 14.00
N SER B 227 17.66 -26.02 14.92
CA SER B 227 18.86 -26.83 15.19
C SER B 227 18.56 -28.00 16.13
#